data_8P9D
#
_entry.id   8P9D
#
_cell.length_a   40.729
_cell.length_b   113.186
_cell.length_c   135.227
_cell.angle_alpha   90.00
_cell.angle_beta   90.00
_cell.angle_gamma   90.00
#
_symmetry.space_group_name_H-M   'P 21 21 21'
#
loop_
_entity.id
_entity.type
_entity.pdbx_description
1 polymer 'Tumor protein 63'
2 polymer 'Tumor protein p73'
3 polymer 'Darpin 1810 A2'
4 water water
#
loop_
_entity_poly.entity_id
_entity_poly.type
_entity_poly.pdbx_seq_one_letter_code
_entity_poly.pdbx_strand_id
1 'polypeptide(L)' GSDDELLYLPVRGRETYEMLLEIKESLELMQYLPQHTIETYRQQQQQQHQHLLQKQTSIQS A,C
2 'polypeptide(L)' GSDEDTYYLQVRGRKNFEILMKLKESLELMELVPQPLVDSYRQQQQLLQR B,D
3 'polypeptide(L)'
;GSDLGKKLLEAAINGQLDEVRILMANGADVNAADALGVTPLHLAAVWGHLEIVEVLLKAGADVNAQDQHGNTPLHLAAWA
GHLEIVEVLLKHGADVNAQDKFGKTPFDLAIDNGNKDIAEVLQKAA
;
E,F
#
# COMPACT_ATOMS: atom_id res chain seq x y z
N ASP A 4 17.35 -3.16 3.02
CA ASP A 4 16.82 -2.28 1.92
C ASP A 4 17.03 -2.99 0.58
N GLU A 5 16.65 -4.26 0.51
CA GLU A 5 16.53 -5.07 -0.75
C GLU A 5 15.33 -4.57 -1.59
N LEU A 6 15.34 -4.89 -2.91
CA LEU A 6 14.17 -4.75 -3.84
C LEU A 6 13.33 -6.04 -3.76
N LEU A 7 12.26 -5.99 -2.96
CA LEU A 7 11.29 -7.10 -2.75
C LEU A 7 10.08 -6.88 -3.68
N TYR A 8 9.39 -7.96 -4.02
CA TYR A 8 8.31 -7.97 -5.02
C TYR A 8 7.01 -8.44 -4.36
N LEU A 9 6.08 -7.51 -4.19
CA LEU A 9 4.78 -7.73 -3.49
C LEU A 9 3.71 -8.03 -4.52
N PRO A 10 3.08 -9.23 -4.49
CA PRO A 10 2.04 -9.56 -5.43
C PRO A 10 0.76 -8.75 -5.13
N VAL A 11 0.09 -8.25 -6.18
CA VAL A 11 -1.10 -7.34 -6.07
C VAL A 11 -2.12 -7.72 -7.15
N ARG A 12 -3.40 -7.95 -6.78
CA ARG A 12 -4.55 -8.16 -7.72
C ARG A 12 -5.26 -6.83 -8.01
N GLY A 13 -5.19 -6.36 -9.27
CA GLY A 13 -6.02 -5.25 -9.79
C GLY A 13 -5.34 -3.90 -9.64
N ARG A 14 -5.73 -2.93 -10.47
CA ARG A 14 -5.07 -1.60 -10.58
C ARG A 14 -5.44 -0.76 -9.37
N GLU A 15 -6.74 -0.66 -9.05
CA GLU A 15 -7.25 0.19 -7.94
C GLU A 15 -6.30 0.02 -6.74
N THR A 16 -5.99 -1.24 -6.41
CA THR A 16 -5.21 -1.63 -5.23
C THR A 16 -3.74 -1.30 -5.47
N TYR A 17 -3.21 -1.68 -6.64
CA TYR A 17 -1.82 -1.38 -7.06
C TYR A 17 -1.59 0.13 -6.97
N GLU A 18 -2.44 0.90 -7.64
CA GLU A 18 -2.33 2.36 -7.71
C GLU A 18 -2.33 2.92 -6.29
N MET A 19 -3.20 2.40 -5.44
CA MET A 19 -3.42 2.86 -4.04
C MET A 19 -2.17 2.54 -3.21
N LEU A 20 -1.63 1.33 -3.36
CA LEU A 20 -0.41 0.86 -2.65
C LEU A 20 0.81 1.64 -3.13
N LEU A 21 0.83 2.00 -4.41
CA LEU A 21 1.92 2.78 -5.04
C LEU A 21 2.00 4.18 -4.38
N GLU A 22 0.89 4.92 -4.36
CA GLU A 22 0.74 6.23 -3.64
C GLU A 22 1.34 6.10 -2.24
N ILE A 23 0.88 5.15 -1.44
CA ILE A 23 1.34 4.96 -0.03
C ILE A 23 2.83 4.64 -0.02
N LYS A 24 3.27 3.64 -0.78
CA LYS A 24 4.69 3.22 -0.90
C LYS A 24 5.56 4.46 -1.07
N GLU A 25 5.11 5.41 -1.86
CA GLU A 25 5.86 6.61 -2.25
C GLU A 25 6.14 7.44 -0.99
N SER A 26 5.11 7.78 -0.22
CA SER A 26 5.24 8.59 1.03
C SER A 26 6.22 7.91 1.99
N LEU A 27 6.11 6.59 2.15
CA LEU A 27 6.97 5.78 3.03
C LEU A 27 8.43 5.83 2.52
N GLU A 28 8.63 5.57 1.23
CA GLU A 28 9.99 5.34 0.64
C GLU A 28 10.73 6.67 0.60
N LEU A 29 10.02 7.80 0.63
CA LEU A 29 10.59 9.15 0.37
C LEU A 29 11.04 9.78 1.68
N MET A 30 10.78 9.13 2.81
CA MET A 30 11.07 9.70 4.13
C MET A 30 12.54 9.48 4.48
N GLN A 31 13.21 8.55 3.79
CA GLN A 31 14.68 8.33 3.91
C GLN A 31 15.42 9.64 3.56
N TYR A 32 14.75 10.60 2.89
CA TYR A 32 15.37 11.85 2.38
C TYR A 32 15.09 13.03 3.36
N LEU A 33 14.55 12.74 4.55
CA LEU A 33 14.28 13.74 5.61
C LEU A 33 15.30 13.58 6.72
N PRO A 34 15.84 14.70 7.27
CA PRO A 34 16.66 14.65 8.48
C PRO A 34 15.91 14.04 9.68
N GLN A 35 16.60 13.23 10.49
CA GLN A 35 16.07 12.63 11.73
C GLN A 35 15.42 13.74 12.57
N HIS A 36 16.08 14.87 12.70
CA HIS A 36 15.57 16.09 13.36
C HIS A 36 14.12 16.36 12.93
N THR A 37 13.89 16.43 11.63
CA THR A 37 12.60 16.88 11.03
C THR A 37 11.48 15.94 11.46
N ILE A 38 11.75 14.65 11.50
CA ILE A 38 10.76 13.60 11.88
C ILE A 38 10.46 13.73 13.38
N GLU A 39 11.51 13.83 14.22
CA GLU A 39 11.37 13.95 15.70
C GLU A 39 10.55 15.19 16.02
N THR A 40 10.92 16.33 15.47
CA THR A 40 10.15 17.59 15.53
C THR A 40 8.66 17.26 15.36
N TYR A 41 8.33 16.47 14.34
CA TYR A 41 6.94 16.17 13.93
C TYR A 41 6.26 15.25 14.96
N ARG A 42 6.97 14.24 15.49
CA ARG A 42 6.41 13.24 16.47
C ARG A 42 6.21 13.89 17.84
N GLN A 43 7.12 14.80 18.23
CA GLN A 43 6.97 15.71 19.41
C GLN A 43 5.73 16.59 19.23
N GLN A 44 5.49 17.04 18.01
CA GLN A 44 4.31 17.87 17.62
C GLN A 44 3.02 17.03 17.75
N GLN A 45 3.16 15.69 17.82
CA GLN A 45 2.03 14.71 17.76
C GLN A 45 1.81 14.11 19.15
N GLN A 46 2.87 13.82 19.90
CA GLN A 46 2.79 13.35 21.32
C GLN A 46 2.28 14.52 22.18
N GLN A 47 2.68 15.76 21.83
CA GLN A 47 2.20 17.03 22.47
C GLN A 47 0.81 17.39 21.94
N GLN A 48 0.21 16.50 21.13
CA GLN A 48 -1.10 16.70 20.45
C GLN A 48 -2.17 15.78 21.07
N HIS A 49 -1.76 14.68 21.71
CA HIS A 49 -2.62 13.50 22.00
C HIS A 49 -3.96 13.97 22.58
N SER B 2 -7.92 20.86 -2.33
CA SER B 2 -6.55 21.49 -2.42
C SER B 2 -6.23 22.24 -1.13
N ASP B 3 -7.24 22.86 -0.49
CA ASP B 3 -7.12 23.65 0.77
C ASP B 3 -6.20 22.91 1.75
N GLU B 4 -5.39 23.66 2.50
CA GLU B 4 -4.47 23.15 3.54
C GLU B 4 -5.23 22.96 4.86
N ASP B 5 -6.56 22.72 4.79
CA ASP B 5 -7.45 22.58 5.96
C ASP B 5 -7.19 21.24 6.65
N THR B 6 -7.70 21.09 7.86
CA THR B 6 -7.53 19.90 8.74
C THR B 6 -8.85 19.12 8.79
N TYR B 7 -8.80 17.82 8.53
CA TYR B 7 -9.96 16.90 8.56
C TYR B 7 -9.84 15.97 9.78
N TYR B 8 -10.98 15.62 10.37
CA TYR B 8 -11.10 14.63 11.47
C TYR B 8 -11.64 13.33 10.88
N LEU B 9 -11.20 12.19 11.41
CA LEU B 9 -11.84 10.87 11.19
C LEU B 9 -11.66 10.00 12.43
N GLN B 10 -12.57 9.06 12.62
CA GLN B 10 -12.56 8.08 13.74
C GLN B 10 -12.33 6.69 13.14
N VAL B 11 -11.95 5.73 13.97
CA VAL B 11 -11.59 4.37 13.51
C VAL B 11 -11.81 3.38 14.65
N ARG B 12 -12.59 2.33 14.39
CA ARG B 12 -12.79 1.18 15.30
C ARG B 12 -11.45 0.46 15.46
N GLY B 13 -11.10 0.07 16.69
CA GLY B 13 -10.03 -0.90 16.96
C GLY B 13 -8.68 -0.22 17.06
N ARG B 14 -7.87 -0.65 18.02
CA ARG B 14 -6.54 -0.06 18.32
C ARG B 14 -5.59 -0.29 17.14
N LYS B 15 -5.52 -1.50 16.62
CA LYS B 15 -4.50 -1.91 15.61
C LYS B 15 -4.74 -1.11 14.34
N ASN B 16 -6.00 -0.86 14.00
CA ASN B 16 -6.41 -0.02 12.84
C ASN B 16 -5.88 1.40 13.05
N PHE B 17 -6.07 1.97 14.25
CA PHE B 17 -5.58 3.34 14.63
C PHE B 17 -4.06 3.44 14.39
N GLU B 18 -3.29 2.45 14.85
CA GLU B 18 -1.80 2.53 14.87
C GLU B 18 -1.28 2.44 13.42
N ILE B 19 -2.04 1.78 12.55
CA ILE B 19 -1.73 1.66 11.10
C ILE B 19 -1.99 3.01 10.43
N LEU B 20 -3.17 3.59 10.66
CA LEU B 20 -3.58 4.88 10.05
C LEU B 20 -2.64 6.00 10.52
N MET B 21 -2.17 5.94 11.77
CA MET B 21 -1.24 6.94 12.37
C MET B 21 0.11 6.85 11.65
N LYS B 22 0.65 5.64 11.52
CA LYS B 22 1.95 5.38 10.86
C LYS B 22 1.89 5.93 9.43
N LEU B 23 0.72 5.88 8.78
CA LEU B 23 0.53 6.38 7.39
C LEU B 23 0.29 7.87 7.39
N LYS B 24 -0.57 8.37 8.28
CA LYS B 24 -0.77 9.82 8.50
C LYS B 24 0.60 10.48 8.54
N GLU B 25 1.54 9.83 9.22
CA GLU B 25 2.89 10.37 9.48
C GLU B 25 3.62 10.55 8.14
N SER B 26 3.83 9.47 7.40
CA SER B 26 4.59 9.47 6.13
C SER B 26 3.91 10.41 5.13
N LEU B 27 2.57 10.41 5.09
CA LEU B 27 1.75 11.20 4.13
C LEU B 27 1.92 12.68 4.44
N GLU B 28 1.80 13.06 5.70
CA GLU B 28 1.94 14.46 6.14
C GLU B 28 3.40 14.90 5.91
N LEU B 29 4.38 14.03 6.20
CA LEU B 29 5.84 14.36 6.12
C LEU B 29 6.27 14.45 4.66
N MET B 30 5.52 13.84 3.78
CA MET B 30 5.69 13.95 2.32
C MET B 30 5.88 15.43 1.92
N GLU B 31 5.07 16.35 2.46
CA GLU B 31 5.06 17.79 2.08
C GLU B 31 6.45 18.40 2.24
N LEU B 32 7.30 17.80 3.07
CA LEU B 32 8.60 18.39 3.51
C LEU B 32 9.77 17.80 2.71
N VAL B 33 9.50 16.86 1.81
CA VAL B 33 10.53 16.23 0.94
C VAL B 33 10.74 17.12 -0.27
N PRO B 34 11.97 17.61 -0.51
CA PRO B 34 12.27 18.46 -1.65
C PRO B 34 11.67 17.92 -2.97
N GLN B 35 10.93 18.77 -3.66
CA GLN B 35 10.20 18.43 -4.90
C GLN B 35 11.13 17.73 -5.90
N PRO B 36 12.37 18.23 -6.12
CA PRO B 36 13.25 17.63 -7.12
C PRO B 36 13.46 16.13 -6.88
N LEU B 37 13.52 15.72 -5.60
CA LEU B 37 13.73 14.30 -5.20
C LEU B 37 12.42 13.50 -5.36
N VAL B 38 11.28 14.14 -5.13
CA VAL B 38 9.94 13.58 -5.45
C VAL B 38 9.87 13.29 -6.94
N ASP B 39 10.15 14.27 -7.78
CA ASP B 39 10.11 14.14 -9.27
C ASP B 39 11.09 13.03 -9.70
N SER B 40 12.26 12.95 -9.07
CA SER B 40 13.30 11.94 -9.36
C SER B 40 12.77 10.54 -9.05
N TYR B 41 12.00 10.42 -7.97
CA TYR B 41 11.34 9.16 -7.53
C TYR B 41 10.29 8.75 -8.58
N ARG B 42 9.41 9.69 -8.95
CA ARG B 42 8.23 9.45 -9.81
C ARG B 42 8.68 9.05 -11.21
N GLN B 43 9.71 9.70 -11.73
CA GLN B 43 10.24 9.43 -13.09
C GLN B 43 10.86 8.02 -13.14
N GLN B 44 11.21 7.46 -11.98
CA GLN B 44 11.80 6.10 -11.88
C GLN B 44 10.71 5.07 -11.56
N GLN B 45 9.59 5.50 -10.96
CA GLN B 45 8.38 4.65 -10.73
C GLN B 45 7.78 4.27 -12.09
N GLN B 46 7.63 5.26 -12.99
CA GLN B 46 7.06 5.05 -14.35
C GLN B 46 8.10 4.35 -15.24
N LEU B 47 9.40 4.47 -14.89
CA LEU B 47 10.54 3.73 -15.55
C LEU B 47 10.49 2.24 -15.16
N LEU B 48 9.76 1.87 -14.10
CA LEU B 48 9.60 0.46 -13.61
C LEU B 48 8.14 -0.02 -13.84
N GLN B 49 7.44 0.54 -14.84
CA GLN B 49 6.06 0.14 -15.24
C GLN B 49 6.13 -0.85 -16.40
N ASP C 4 -6.84 -6.27 -14.34
CA ASP C 4 -7.26 -6.90 -13.06
C ASP C 4 -6.52 -8.23 -12.86
N GLU C 5 -5.39 -8.41 -13.56
CA GLU C 5 -4.44 -9.57 -13.40
C GLU C 5 -3.59 -9.35 -12.15
N LEU C 6 -2.73 -10.35 -11.81
CA LEU C 6 -1.77 -10.29 -10.65
C LEU C 6 -0.49 -9.54 -11.07
N LEU C 7 -0.39 -8.25 -10.68
CA LEU C 7 0.79 -7.35 -10.88
C LEU C 7 1.75 -7.49 -9.69
N TYR C 8 3.06 -7.38 -9.92
CA TYR C 8 4.13 -7.45 -8.89
C TYR C 8 4.69 -6.03 -8.66
N LEU C 9 4.50 -5.52 -7.44
CA LEU C 9 4.90 -4.14 -7.03
C LEU C 9 6.29 -4.19 -6.41
N PRO C 10 7.28 -3.48 -6.98
CA PRO C 10 8.62 -3.44 -6.39
C PRO C 10 8.61 -2.63 -5.08
N VAL C 11 9.32 -3.11 -4.06
CA VAL C 11 9.43 -2.41 -2.75
C VAL C 11 10.87 -2.49 -2.26
N ARG C 12 11.46 -1.34 -1.93
CA ARG C 12 12.73 -1.22 -1.14
C ARG C 12 12.41 -1.14 0.36
N GLY C 13 12.84 -2.16 1.12
CA GLY C 13 12.70 -2.23 2.59
C GLY C 13 11.68 -3.27 3.02
N ARG C 14 11.97 -4.04 4.07
CA ARG C 14 11.01 -5.01 4.65
C ARG C 14 9.96 -4.25 5.46
N GLU C 15 10.38 -3.33 6.31
CA GLU C 15 9.45 -2.50 7.13
C GLU C 15 8.32 -1.99 6.23
N THR C 16 8.68 -1.57 5.01
CA THR C 16 7.74 -0.99 4.01
C THR C 16 6.89 -2.10 3.42
N TYR C 17 7.52 -3.19 2.97
CA TYR C 17 6.85 -4.40 2.42
C TYR C 17 5.84 -4.92 3.46
N GLU C 18 6.29 -5.11 4.70
CA GLU C 18 5.46 -5.66 5.79
C GLU C 18 4.26 -4.74 5.98
N MET C 19 4.50 -3.43 5.94
CA MET C 19 3.45 -2.39 6.16
C MET C 19 2.45 -2.41 5.00
N LEU C 20 2.95 -2.53 3.77
CA LEU C 20 2.12 -2.58 2.53
C LEU C 20 1.32 -3.88 2.50
N LEU C 21 1.90 -4.97 3.00
CA LEU C 21 1.28 -6.31 3.07
C LEU C 21 -0.02 -6.24 3.92
N GLU C 22 0.09 -5.76 5.18
CA GLU C 22 -1.10 -5.54 6.10
C GLU C 22 -2.23 -4.88 5.30
N ILE C 23 -1.95 -3.74 4.71
CA ILE C 23 -2.96 -2.89 4.01
C ILE C 23 -3.52 -3.66 2.81
N LYS C 24 -2.65 -4.19 1.96
CA LYS C 24 -3.02 -4.98 0.75
C LYS C 24 -4.10 -6.02 1.13
N GLU C 25 -3.97 -6.65 2.30
CA GLU C 25 -4.89 -7.71 2.78
C GLU C 25 -6.33 -7.15 2.85
N SER C 26 -6.54 -6.07 3.59
CA SER C 26 -7.87 -5.43 3.78
C SER C 26 -8.45 -5.04 2.43
N LEU C 27 -7.65 -4.45 1.55
CA LEU C 27 -8.09 -3.95 0.23
C LEU C 27 -8.48 -5.15 -0.66
N GLU C 28 -7.64 -6.20 -0.68
CA GLU C 28 -7.82 -7.36 -1.60
C GLU C 28 -9.03 -8.18 -1.17
N LEU C 29 -9.38 -8.15 0.11
CA LEU C 29 -10.36 -9.08 0.72
C LEU C 29 -11.75 -8.46 0.65
N MET C 30 -11.86 -7.23 0.17
CA MET C 30 -13.17 -6.56 0.03
C MET C 30 -13.88 -7.06 -1.24
N GLN C 31 -13.13 -7.67 -2.17
CA GLN C 31 -13.68 -8.38 -3.35
C GLN C 31 -14.72 -9.43 -2.89
N TYR C 32 -14.67 -9.85 -1.62
CA TYR C 32 -15.52 -10.95 -1.06
C TYR C 32 -16.73 -10.38 -0.28
N LEU C 33 -16.98 -9.08 -0.35
CA LEU C 33 -18.13 -8.41 0.32
C LEU C 33 -19.21 -8.03 -0.70
N PRO C 34 -20.50 -8.26 -0.42
CA PRO C 34 -21.58 -7.74 -1.27
C PRO C 34 -21.59 -6.21 -1.33
N GLN C 35 -21.94 -5.67 -2.50
CA GLN C 35 -22.08 -4.22 -2.75
C GLN C 35 -22.91 -3.58 -1.65
N HIS C 36 -24.03 -4.20 -1.29
CA HIS C 36 -24.96 -3.65 -0.29
C HIS C 36 -24.19 -3.45 1.04
N THR C 37 -23.32 -4.40 1.42
CA THR C 37 -22.62 -4.38 2.73
C THR C 37 -21.72 -3.15 2.81
N ILE C 38 -21.07 -2.80 1.71
CA ILE C 38 -20.14 -1.64 1.60
C ILE C 38 -20.97 -0.35 1.63
N GLU C 39 -22.05 -0.27 0.84
CA GLU C 39 -22.98 0.89 0.78
C GLU C 39 -23.52 1.17 2.19
N THR C 40 -24.08 0.15 2.83
CA THR C 40 -24.53 0.19 4.25
C THR C 40 -23.47 0.95 5.06
N TYR C 41 -22.20 0.59 4.89
CA TYR C 41 -21.06 1.12 5.68
C TYR C 41 -20.81 2.60 5.34
N ARG C 42 -20.85 2.97 4.05
CA ARG C 42 -20.52 4.35 3.57
C ARG C 42 -21.65 5.32 3.94
N GLN C 43 -22.89 4.83 3.90
CA GLN C 43 -24.11 5.53 4.42
C GLN C 43 -23.93 5.78 5.92
N GLN C 44 -23.37 4.82 6.64
CA GLN C 44 -23.11 4.91 8.09
C GLN C 44 -22.01 5.95 8.35
N GLN C 45 -21.25 6.35 7.31
CA GLN C 45 -20.05 7.23 7.40
C GLN C 45 -20.38 8.64 6.90
N GLN C 46 -21.21 8.74 5.85
CA GLN C 46 -21.92 9.98 5.42
C GLN C 46 -22.54 10.68 6.65
N GLN C 47 -22.99 9.90 7.66
CA GLN C 47 -23.75 10.39 8.85
C GLN C 47 -22.85 11.28 9.71
N GLN C 48 -21.52 11.06 9.63
CA GLN C 48 -20.50 11.66 10.52
C GLN C 48 -19.59 12.58 9.69
N HIS C 49 -20.16 13.34 8.75
CA HIS C 49 -19.44 14.31 7.89
C HIS C 49 -19.26 15.64 8.64
N GLU D 4 -11.17 -2.62 21.89
CA GLU D 4 -11.41 -2.17 20.47
C GLU D 4 -12.45 -1.04 20.47
N ASP D 5 -12.14 0.07 21.15
CA ASP D 5 -12.99 1.29 21.25
C ASP D 5 -12.83 2.12 19.97
N THR D 6 -13.27 3.38 20.00
CA THR D 6 -13.15 4.33 18.87
C THR D 6 -12.03 5.33 19.18
N TYR D 7 -11.06 5.45 18.27
CA TYR D 7 -9.95 6.44 18.31
C TYR D 7 -10.19 7.50 17.24
N TYR D 8 -9.85 8.74 17.54
CA TYR D 8 -10.01 9.91 16.65
C TYR D 8 -8.63 10.38 16.23
N LEU D 9 -8.49 10.84 15.00
CA LEU D 9 -7.24 11.45 14.48
C LEU D 9 -7.58 12.52 13.46
N GLN D 10 -6.70 13.49 13.30
CA GLN D 10 -6.83 14.61 12.35
C GLN D 10 -5.72 14.49 11.30
N VAL D 11 -5.82 15.23 10.20
CA VAL D 11 -4.84 15.17 9.09
C VAL D 11 -4.91 16.47 8.28
N ARG D 12 -3.75 17.09 8.02
CA ARG D 12 -3.59 18.19 7.05
C ARG D 12 -3.94 17.67 5.66
N GLY D 13 -4.68 18.46 4.88
CA GLY D 13 -4.77 18.34 3.43
C GLY D 13 -5.81 17.34 3.00
N ARG D 14 -6.55 17.67 1.95
CA ARG D 14 -7.72 16.91 1.46
C ARG D 14 -7.26 15.54 0.95
N LYS D 15 -6.25 15.48 0.09
CA LYS D 15 -5.82 14.24 -0.61
C LYS D 15 -5.42 13.19 0.42
N ASN D 16 -4.71 13.62 1.48
CA ASN D 16 -4.30 12.77 2.62
C ASN D 16 -5.55 12.17 3.27
N PHE D 17 -6.56 12.99 3.56
CA PHE D 17 -7.85 12.58 4.17
C PHE D 17 -8.51 11.47 3.32
N GLU D 18 -8.59 11.66 2.00
CA GLU D 18 -9.38 10.78 1.09
C GLU D 18 -8.68 9.42 1.00
N ILE D 19 -7.36 9.41 1.17
CA ILE D 19 -6.52 8.17 1.19
C ILE D 19 -6.80 7.43 2.49
N LEU D 20 -6.71 8.12 3.61
CA LEU D 20 -6.88 7.53 4.96
C LEU D 20 -8.31 7.00 5.10
N MET D 21 -9.29 7.66 4.49
CA MET D 21 -10.72 7.23 4.50
C MET D 21 -10.84 5.91 3.74
N LYS D 22 -10.30 5.86 2.52
CA LYS D 22 -10.28 4.65 1.66
C LYS D 22 -9.68 3.47 2.44
N LEU D 23 -8.67 3.72 3.28
CA LEU D 23 -7.98 2.67 4.08
C LEU D 23 -8.80 2.35 5.32
N LYS D 24 -9.21 3.38 6.07
CA LYS D 24 -10.13 3.23 7.22
C LYS D 24 -11.24 2.27 6.81
N GLU D 25 -11.74 2.44 5.60
CA GLU D 25 -12.90 1.70 5.05
C GLU D 25 -12.55 0.22 4.97
N SER D 26 -11.54 -0.13 4.16
CA SER D 26 -11.13 -1.53 3.92
C SER D 26 -10.77 -2.20 5.25
N LEU D 27 -10.09 -1.47 6.14
CA LEU D 27 -9.58 -2.00 7.43
C LEU D 27 -10.76 -2.32 8.35
N GLU D 28 -11.70 -1.40 8.46
CA GLU D 28 -12.90 -1.59 9.32
C GLU D 28 -13.77 -2.71 8.71
N LEU D 29 -13.90 -2.75 7.36
CA LEU D 29 -14.79 -3.70 6.63
C LEU D 29 -14.19 -5.10 6.66
N MET D 30 -12.90 -5.20 6.93
CA MET D 30 -12.20 -6.45 7.16
C MET D 30 -13.03 -7.37 8.09
N GLU D 31 -13.58 -6.83 9.17
CA GLU D 31 -14.26 -7.62 10.24
C GLU D 31 -15.47 -8.38 9.65
N LEU D 32 -15.95 -7.99 8.46
CA LEU D 32 -17.21 -8.53 7.85
C LEU D 32 -16.88 -9.63 6.83
N VAL D 33 -15.60 -9.86 6.53
CA VAL D 33 -15.16 -10.89 5.56
C VAL D 33 -15.13 -12.24 6.26
N PRO D 34 -15.89 -13.24 5.77
CA PRO D 34 -15.93 -14.54 6.43
C PRO D 34 -14.52 -15.10 6.69
N GLN D 35 -14.26 -15.50 7.93
CA GLN D 35 -12.98 -16.05 8.40
C GLN D 35 -12.47 -17.11 7.41
N PRO D 36 -13.31 -18.07 6.96
CA PRO D 36 -12.81 -19.15 6.13
C PRO D 36 -12.13 -18.64 4.85
N LEU D 37 -12.60 -17.52 4.30
CA LEU D 37 -12.04 -16.90 3.08
C LEU D 37 -10.76 -16.14 3.44
N VAL D 38 -10.72 -15.53 4.62
CA VAL D 38 -9.50 -14.90 5.19
C VAL D 38 -8.40 -15.95 5.30
N ASP D 39 -8.71 -17.08 5.94
CA ASP D 39 -7.78 -18.23 6.12
C ASP D 39 -7.27 -18.69 4.74
N SER D 40 -8.15 -18.77 3.76
CA SER D 40 -7.84 -19.20 2.38
C SER D 40 -6.85 -18.22 1.74
N TYR D 41 -7.03 -16.93 2.00
CA TYR D 41 -6.17 -15.82 1.49
C TYR D 41 -4.77 -15.95 2.07
N ARG D 42 -4.69 -16.14 3.39
CA ARG D 42 -3.43 -16.13 4.17
C ARG D 42 -2.60 -17.35 3.79
N GLN D 43 -3.25 -18.50 3.63
CA GLN D 43 -2.62 -19.76 3.18
C GLN D 43 -1.98 -19.60 1.79
N GLN D 44 -2.45 -18.65 0.98
CA GLN D 44 -1.91 -18.40 -0.38
C GLN D 44 -0.80 -17.36 -0.32
N GLN D 45 -0.90 -16.42 0.62
CA GLN D 45 0.12 -15.38 0.86
C GLN D 45 1.44 -16.04 1.28
N GLN D 46 1.39 -16.97 2.22
CA GLN D 46 2.56 -17.79 2.64
C GLN D 46 3.32 -18.27 1.39
N LEU D 47 2.61 -18.93 0.47
CA LEU D 47 3.19 -19.70 -0.67
C LEU D 47 3.66 -18.73 -1.77
N LEU D 48 3.24 -17.47 -1.72
CA LEU D 48 3.65 -16.40 -2.69
C LEU D 48 4.71 -15.47 -2.05
N GLN D 49 5.45 -15.96 -1.05
CA GLN D 49 6.44 -15.17 -0.27
C GLN D 49 7.51 -16.11 0.29
N SER E 2 24.20 -0.61 7.79
CA SER E 2 24.90 -1.92 7.46
C SER E 2 25.79 -1.75 6.22
N ASP E 3 25.72 -0.60 5.53
CA ASP E 3 26.63 -0.20 4.43
C ASP E 3 27.31 1.12 4.80
N LEU E 4 28.59 1.25 4.44
CA LEU E 4 29.41 2.47 4.62
C LEU E 4 28.85 3.60 3.74
N GLY E 5 28.51 3.28 2.50
CA GLY E 5 27.77 4.17 1.60
C GLY E 5 26.52 4.73 2.26
N LYS E 6 25.59 3.86 2.63
CA LYS E 6 24.32 4.21 3.32
C LYS E 6 24.62 5.14 4.53
N LYS E 7 25.53 4.75 5.44
CA LYS E 7 25.84 5.51 6.70
C LYS E 7 26.24 6.96 6.35
N LEU E 8 27.01 7.14 5.28
CA LEU E 8 27.54 8.47 4.87
C LEU E 8 26.42 9.34 4.29
N LEU E 9 25.54 8.76 3.48
CA LEU E 9 24.33 9.45 2.97
C LEU E 9 23.49 9.92 4.16
N GLU E 10 23.31 9.06 5.16
CA GLU E 10 22.49 9.33 6.39
C GLU E 10 23.10 10.54 7.13
N ALA E 11 24.42 10.60 7.21
CA ALA E 11 25.19 11.62 7.96
C ALA E 11 25.10 12.97 7.22
N ALA E 12 25.26 12.94 5.90
CA ALA E 12 25.14 14.12 5.03
C ALA E 12 23.78 14.77 5.25
N ILE E 13 22.71 14.01 5.15
CA ILE E 13 21.31 14.50 5.35
C ILE E 13 21.25 15.21 6.68
N ASN E 14 21.85 14.61 7.70
CA ASN E 14 21.58 14.92 9.13
C ASN E 14 22.59 15.92 9.65
N GLY E 15 23.44 16.44 8.78
CA GLY E 15 24.37 17.54 9.11
C GLY E 15 25.41 17.11 10.16
N GLN E 16 25.70 15.81 10.24
CA GLN E 16 26.66 15.25 11.21
C GLN E 16 28.06 15.36 10.63
N LEU E 17 28.66 16.53 10.74
CA LEU E 17 29.99 16.86 10.18
C LEU E 17 31.02 15.85 10.72
N ASP E 18 31.13 15.73 12.05
CA ASP E 18 32.07 14.78 12.73
C ASP E 18 31.91 13.40 12.10
N GLU E 19 30.67 12.92 12.05
CA GLU E 19 30.29 11.57 11.55
C GLU E 19 30.76 11.42 10.10
N VAL E 20 30.51 12.42 9.26
CA VAL E 20 30.91 12.41 7.83
C VAL E 20 32.43 12.24 7.75
N ARG E 21 33.18 12.98 8.57
CA ARG E 21 34.66 13.02 8.55
C ARG E 21 35.19 11.61 8.88
N ILE E 22 34.59 10.97 9.88
CA ILE E 22 35.00 9.64 10.42
C ILE E 22 34.68 8.55 9.39
N LEU E 23 33.55 8.68 8.70
CA LEU E 23 33.11 7.66 7.72
C LEU E 23 34.03 7.69 6.51
N MET E 24 34.44 8.88 6.10
CA MET E 24 35.38 9.06 4.96
C MET E 24 36.75 8.48 5.32
N ALA E 25 37.17 8.64 6.56
CA ALA E 25 38.48 8.19 7.07
C ALA E 25 38.50 6.66 7.20
N ASN E 26 37.33 6.03 7.29
CA ASN E 26 37.19 4.55 7.36
C ASN E 26 36.90 4.03 5.95
N GLY E 27 36.97 4.91 4.95
CA GLY E 27 37.10 4.55 3.53
C GLY E 27 35.76 4.58 2.81
N ALA E 28 34.76 5.25 3.39
CA ALA E 28 33.46 5.56 2.74
C ALA E 28 33.74 6.21 1.38
N ASP E 29 32.93 5.88 0.37
CA ASP E 29 33.01 6.44 -0.99
C ASP E 29 32.14 7.70 -1.06
N VAL E 30 32.73 8.87 -1.35
CA VAL E 30 32.02 10.18 -1.33
C VAL E 30 31.09 10.26 -2.54
N ASN E 31 31.26 9.37 -3.51
CA ASN E 31 30.47 9.32 -4.76
C ASN E 31 29.44 8.16 -4.68
N ALA E 32 29.33 7.51 -3.51
CA ALA E 32 28.23 6.57 -3.17
C ALA E 32 26.89 7.19 -3.56
N ALA E 33 26.05 6.44 -4.29
CA ALA E 33 24.71 6.86 -4.72
C ALA E 33 23.68 5.82 -4.31
N ASP E 34 22.51 6.26 -3.81
CA ASP E 34 21.36 5.38 -3.49
C ASP E 34 20.63 4.99 -4.78
N ALA E 35 19.55 4.22 -4.64
CA ALA E 35 18.76 3.63 -5.74
C ALA E 35 18.50 4.68 -6.84
N LEU E 36 18.42 5.96 -6.47
CA LEU E 36 17.93 7.04 -7.36
C LEU E 36 19.09 7.84 -7.92
N GLY E 37 20.32 7.44 -7.61
CA GLY E 37 21.54 8.13 -8.08
C GLY E 37 21.84 9.36 -7.26
N VAL E 38 21.21 9.50 -6.09
CA VAL E 38 21.42 10.63 -5.16
C VAL E 38 22.67 10.36 -4.33
N THR E 39 23.58 11.36 -4.26
CA THR E 39 24.94 11.26 -3.68
C THR E 39 24.99 12.10 -2.41
N PRO E 40 26.00 11.90 -1.53
CA PRO E 40 26.15 12.70 -0.33
C PRO E 40 26.17 14.19 -0.64
N LEU E 41 26.79 14.56 -1.75
CA LEU E 41 26.93 15.98 -2.13
C LEU E 41 25.55 16.57 -2.41
N HIS E 42 24.71 15.83 -3.15
CA HIS E 42 23.29 16.18 -3.41
C HIS E 42 22.60 16.51 -2.07
N LEU E 43 22.73 15.62 -1.09
CA LEU E 43 21.91 15.63 0.14
C LEU E 43 22.38 16.74 1.09
N ALA E 44 23.69 16.94 1.20
CA ALA E 44 24.31 18.03 1.98
C ALA E 44 23.89 19.37 1.38
N ALA E 45 23.81 19.45 0.05
CA ALA E 45 23.48 20.66 -0.72
C ALA E 45 22.01 21.03 -0.49
N VAL E 46 21.09 20.07 -0.51
CA VAL E 46 19.62 20.35 -0.44
C VAL E 46 19.24 20.67 1.01
N TRP E 47 19.98 20.19 2.00
CA TRP E 47 19.62 20.35 3.44
C TRP E 47 20.48 21.45 4.07
N GLY E 48 21.34 22.09 3.28
CA GLY E 48 21.98 23.37 3.64
C GLY E 48 23.14 23.18 4.59
N HIS E 49 23.97 22.16 4.34
CA HIS E 49 25.13 21.79 5.18
C HIS E 49 26.41 22.19 4.45
N LEU E 50 26.75 23.49 4.52
CA LEU E 50 27.88 24.13 3.82
C LEU E 50 29.18 23.38 4.14
N GLU E 51 29.53 23.24 5.41
CA GLU E 51 30.82 22.66 5.83
C GLU E 51 30.92 21.24 5.25
N ILE E 52 29.84 20.48 5.32
CA ILE E 52 29.82 19.08 4.81
C ILE E 52 29.99 19.11 3.30
N VAL E 53 29.32 20.05 2.62
CA VAL E 53 29.48 20.20 1.15
C VAL E 53 30.97 20.34 0.84
N GLU E 54 31.69 21.14 1.62
CA GLU E 54 33.10 21.49 1.39
C GLU E 54 34.00 20.27 1.62
N VAL E 55 33.77 19.49 2.70
CA VAL E 55 34.66 18.32 3.02
C VAL E 55 34.52 17.29 1.89
N LEU E 56 33.31 17.15 1.35
CA LEU E 56 32.99 16.15 0.29
C LEU E 56 33.66 16.56 -1.02
N LEU E 57 33.53 17.83 -1.42
CA LEU E 57 34.21 18.41 -2.63
C LEU E 57 35.73 18.24 -2.50
N LYS E 58 36.30 18.60 -1.34
CA LYS E 58 37.74 18.45 -1.04
C LYS E 58 38.13 16.97 -1.19
N ALA E 59 37.24 16.06 -0.80
CA ALA E 59 37.46 14.59 -0.79
C ALA E 59 37.12 13.97 -2.17
N GLY E 60 36.78 14.79 -3.17
CA GLY E 60 36.74 14.40 -4.60
C GLY E 60 35.33 14.11 -5.10
N ALA E 61 34.31 14.56 -4.38
CA ALA E 61 32.88 14.42 -4.74
C ALA E 61 32.62 15.04 -6.12
N ASP E 62 32.02 14.29 -7.03
CA ASP E 62 31.54 14.78 -8.33
C ASP E 62 30.54 15.92 -8.11
N VAL E 63 30.83 17.10 -8.65
CA VAL E 63 30.09 18.38 -8.41
C VAL E 63 28.85 18.42 -9.31
N ASN E 64 28.85 17.61 -10.38
CA ASN E 64 27.79 17.61 -11.41
C ASN E 64 27.23 16.20 -11.55
N ALA E 65 27.28 15.43 -10.47
CA ALA E 65 26.65 14.10 -10.37
C ALA E 65 25.16 14.27 -10.65
N GLN E 66 24.56 13.35 -11.40
CA GLN E 66 23.12 13.40 -11.78
C GLN E 66 22.38 12.19 -11.17
N ASP E 67 21.22 12.43 -10.53
CA ASP E 67 20.26 11.38 -10.12
C ASP E 67 19.36 10.98 -11.32
N GLN E 68 18.44 10.04 -11.11
CA GLN E 68 17.50 9.49 -12.13
C GLN E 68 16.97 10.62 -13.01
N HIS E 69 16.79 11.78 -12.41
CA HIS E 69 16.00 12.90 -12.96
C HIS E 69 16.93 13.92 -13.63
N GLY E 70 18.24 13.74 -13.49
CA GLY E 70 19.25 14.70 -13.96
C GLY E 70 19.38 15.89 -13.03
N ASN E 71 18.89 15.76 -11.79
CA ASN E 71 19.19 16.69 -10.67
C ASN E 71 20.68 16.63 -10.36
N THR E 72 21.36 17.77 -10.41
CA THR E 72 22.74 17.97 -9.90
C THR E 72 22.66 18.61 -8.52
N PRO E 73 23.76 18.58 -7.74
CA PRO E 73 23.82 19.33 -6.50
C PRO E 73 23.45 20.81 -6.67
N LEU E 74 23.86 21.42 -7.78
CA LEU E 74 23.54 22.84 -8.07
C LEU E 74 22.02 23.02 -8.15
N HIS E 75 21.32 22.12 -8.85
CA HIS E 75 19.82 22.12 -8.94
C HIS E 75 19.24 22.21 -7.52
N LEU E 76 19.71 21.38 -6.59
CA LEU E 76 19.07 21.14 -5.28
C LEU E 76 19.37 22.32 -4.35
N ALA E 77 20.59 22.85 -4.42
CA ALA E 77 21.01 24.05 -3.70
C ALA E 77 20.14 25.24 -4.15
N ALA E 78 20.02 25.43 -5.46
CA ALA E 78 19.20 26.46 -6.09
C ALA E 78 17.72 26.29 -5.66
N TRP E 79 17.21 25.06 -5.73
CA TRP E 79 15.80 24.75 -5.34
C TRP E 79 15.58 25.20 -3.88
N ALA E 80 16.57 24.96 -3.02
CA ALA E 80 16.43 24.92 -1.54
C ALA E 80 16.77 26.28 -0.93
N GLY E 81 17.34 27.19 -1.72
CA GLY E 81 17.60 28.59 -1.34
C GLY E 81 18.87 28.74 -0.51
N HIS E 82 19.90 27.95 -0.81
CA HIS E 82 21.19 27.91 -0.09
C HIS E 82 22.28 28.61 -0.91
N LEU E 83 22.38 29.93 -0.77
CA LEU E 83 23.23 30.81 -1.60
C LEU E 83 24.71 30.47 -1.36
N GLU E 84 25.14 30.44 -0.11
CA GLU E 84 26.55 30.12 0.23
C GLU E 84 26.94 28.79 -0.44
N ILE E 85 26.07 27.78 -0.40
CA ILE E 85 26.38 26.45 -1.00
C ILE E 85 26.43 26.58 -2.53
N VAL E 86 25.50 27.30 -3.14
CA VAL E 86 25.47 27.57 -4.60
C VAL E 86 26.84 28.12 -5.03
N GLU E 87 27.33 29.13 -4.30
CA GLU E 87 28.57 29.87 -4.64
C GLU E 87 29.74 28.87 -4.68
N VAL E 88 29.80 27.95 -3.73
CA VAL E 88 30.93 26.98 -3.60
C VAL E 88 30.89 26.02 -4.78
N LEU E 89 29.70 25.51 -5.10
CA LEU E 89 29.49 24.55 -6.19
C LEU E 89 29.95 25.16 -7.51
N LEU E 90 29.64 26.43 -7.74
CA LEU E 90 30.06 27.19 -8.95
C LEU E 90 31.59 27.27 -8.98
N LYS E 91 32.19 27.59 -7.83
CA LYS E 91 33.66 27.63 -7.63
C LYS E 91 34.27 26.28 -8.05
N HIS E 92 33.66 25.17 -7.64
CA HIS E 92 34.17 23.79 -7.91
C HIS E 92 33.63 23.28 -9.26
N GLY E 93 33.02 24.17 -10.06
CA GLY E 93 32.82 24.01 -11.52
C GLY E 93 31.48 23.35 -11.85
N ALA E 94 30.44 23.61 -11.07
CA ALA E 94 29.05 23.17 -11.30
C ALA E 94 28.52 23.73 -12.63
N ASP E 95 28.07 22.85 -13.53
CA ASP E 95 27.43 23.19 -14.83
C ASP E 95 26.14 23.97 -14.54
N VAL E 96 26.14 25.27 -14.86
CA VAL E 96 24.99 26.20 -14.71
C VAL E 96 23.83 25.74 -15.61
N ASN E 97 24.18 25.04 -16.71
CA ASN E 97 23.28 24.71 -17.84
C ASN E 97 22.76 23.27 -17.72
N ALA E 98 23.27 22.49 -16.77
CA ALA E 98 22.76 21.14 -16.44
C ALA E 98 21.23 21.19 -16.43
N GLN E 99 20.59 20.27 -17.15
CA GLN E 99 19.12 20.20 -17.29
C GLN E 99 18.61 18.92 -16.63
N ASP E 100 17.57 19.03 -15.84
CA ASP E 100 16.81 17.86 -15.35
C ASP E 100 16.00 17.32 -16.55
N LYS E 101 15.30 16.21 -16.35
CA LYS E 101 14.62 15.42 -17.40
C LYS E 101 13.41 16.20 -17.93
N PHE E 102 12.99 17.26 -17.24
CA PHE E 102 11.93 18.20 -17.71
C PHE E 102 12.57 19.45 -18.35
N GLY E 103 13.89 19.41 -18.57
CA GLY E 103 14.67 20.49 -19.19
C GLY E 103 14.78 21.75 -18.30
N LYS E 104 14.54 21.62 -17.01
CA LYS E 104 14.71 22.72 -16.02
C LYS E 104 16.19 22.82 -15.65
N THR E 105 16.72 24.05 -15.62
CA THR E 105 18.09 24.36 -15.18
C THR E 105 18.06 24.71 -13.70
N PRO E 106 19.22 24.76 -13.04
CA PRO E 106 19.28 25.29 -11.68
C PRO E 106 18.64 26.69 -11.61
N PHE E 107 18.90 27.53 -12.61
CA PHE E 107 18.30 28.88 -12.68
C PHE E 107 16.76 28.78 -12.52
N ASP E 108 16.13 27.91 -13.34
CA ASP E 108 14.64 27.75 -13.43
C ASP E 108 14.06 27.43 -12.05
N LEU E 109 14.67 26.47 -11.36
CA LEU E 109 14.22 25.97 -10.05
C LEU E 109 14.31 27.11 -9.04
N ALA E 110 15.39 27.89 -9.10
CA ALA E 110 15.61 29.07 -8.24
C ALA E 110 14.43 30.02 -8.38
N ILE E 111 14.15 30.44 -9.62
CA ILE E 111 13.04 31.38 -9.97
C ILE E 111 11.72 30.83 -9.44
N ASP E 112 11.41 29.57 -9.76
CA ASP E 112 10.08 28.97 -9.53
C ASP E 112 9.79 29.00 -8.02
N ASN E 113 10.81 29.14 -7.17
CA ASN E 113 10.68 29.06 -5.68
C ASN E 113 11.04 30.40 -5.01
N GLY E 114 11.35 31.43 -5.81
CA GLY E 114 11.57 32.82 -5.33
C GLY E 114 12.93 33.00 -4.69
N ASN E 115 13.93 32.23 -5.14
CA ASN E 115 15.34 32.37 -4.71
C ASN E 115 16.05 33.30 -5.69
N LYS E 116 15.73 34.60 -5.62
CA LYS E 116 16.10 35.64 -6.60
C LYS E 116 17.59 35.87 -6.52
N ASP E 117 18.15 36.00 -5.32
CA ASP E 117 19.60 36.24 -5.14
C ASP E 117 20.34 35.14 -5.90
N ILE E 118 19.89 33.89 -5.75
CA ILE E 118 20.57 32.70 -6.34
C ILE E 118 20.41 32.71 -7.85
N ALA E 119 19.23 33.04 -8.33
CA ALA E 119 18.90 33.15 -9.77
C ALA E 119 19.80 34.22 -10.44
N GLU E 120 19.96 35.38 -9.79
CA GLU E 120 20.83 36.49 -10.25
C GLU E 120 22.26 35.97 -10.41
N VAL E 121 22.75 35.18 -9.45
CA VAL E 121 24.13 34.59 -9.46
C VAL E 121 24.26 33.66 -10.68
N LEU E 122 23.27 32.79 -10.90
CA LEU E 122 23.28 31.74 -11.95
C LEU E 122 23.15 32.38 -13.33
N GLN E 123 22.33 33.43 -13.47
CA GLN E 123 22.13 34.18 -14.73
C GLN E 123 23.47 34.75 -15.20
N LYS E 124 24.27 35.26 -14.26
CA LYS E 124 25.52 36.02 -14.52
C LYS E 124 26.69 35.03 -14.65
N ALA E 125 26.62 33.92 -13.93
CA ALA E 125 27.57 32.81 -14.03
C ALA E 125 27.41 32.11 -15.39
N ALA E 126 26.33 32.47 -16.13
CA ALA E 126 26.04 32.05 -17.53
C ALA E 126 27.06 31.00 -18.00
N SER F 2 -14.95 -9.99 -22.74
CA SER F 2 -15.76 -10.05 -21.49
C SER F 2 -15.69 -11.46 -20.89
N ASP F 3 -15.01 -11.60 -19.76
CA ASP F 3 -14.78 -12.92 -19.10
C ASP F 3 -15.93 -13.21 -18.10
N LEU F 4 -16.66 -14.30 -18.31
CA LEU F 4 -17.98 -14.54 -17.64
C LEU F 4 -17.75 -15.26 -16.32
N GLY F 5 -16.58 -15.87 -16.13
CA GLY F 5 -16.12 -16.38 -14.81
C GLY F 5 -16.24 -15.30 -13.73
N LYS F 6 -15.47 -14.22 -13.84
CA LYS F 6 -15.46 -13.12 -12.83
C LYS F 6 -16.90 -12.60 -12.65
N LYS F 7 -17.61 -12.30 -13.75
CA LYS F 7 -18.98 -11.68 -13.73
C LYS F 7 -19.93 -12.55 -12.88
N LEU F 8 -19.79 -13.88 -12.99
CA LEU F 8 -20.69 -14.88 -12.33
C LEU F 8 -20.38 -14.93 -10.83
N LEU F 9 -19.10 -14.89 -10.46
CA LEU F 9 -18.65 -14.83 -9.04
C LEU F 9 -19.19 -13.55 -8.41
N GLU F 10 -19.15 -12.42 -9.13
CA GLU F 10 -19.57 -11.10 -8.60
C GLU F 10 -21.07 -11.14 -8.33
N ALA F 11 -21.81 -11.79 -9.21
CA ALA F 11 -23.28 -11.91 -9.18
C ALA F 11 -23.71 -12.81 -8.02
N ALA F 12 -23.04 -13.95 -7.86
CA ALA F 12 -23.28 -14.90 -6.75
C ALA F 12 -23.18 -14.16 -5.42
N ILE F 13 -22.08 -13.44 -5.20
CA ILE F 13 -21.84 -12.67 -3.95
C ILE F 13 -23.03 -11.75 -3.70
N ASN F 14 -23.51 -11.10 -4.76
CA ASN F 14 -24.41 -9.92 -4.70
C ASN F 14 -25.87 -10.37 -4.81
N GLY F 15 -26.10 -11.67 -4.85
CA GLY F 15 -27.45 -12.25 -4.82
C GLY F 15 -28.26 -11.94 -6.07
N GLN F 16 -27.59 -11.63 -7.18
CA GLN F 16 -28.23 -11.23 -8.46
C GLN F 16 -28.65 -12.50 -9.20
N LEU F 17 -29.79 -13.07 -8.82
CA LEU F 17 -30.36 -14.31 -9.39
C LEU F 17 -30.50 -14.14 -10.92
N ASP F 18 -31.23 -13.14 -11.40
CA ASP F 18 -31.45 -12.94 -12.86
C ASP F 18 -30.09 -12.88 -13.56
N GLU F 19 -29.13 -12.10 -13.00
CA GLU F 19 -27.78 -11.90 -13.58
C GLU F 19 -27.09 -13.26 -13.72
N VAL F 20 -27.13 -14.07 -12.67
CA VAL F 20 -26.51 -15.42 -12.65
C VAL F 20 -27.11 -16.27 -13.77
N ARG F 21 -28.45 -16.21 -13.93
CA ARG F 21 -29.20 -17.05 -14.89
C ARG F 21 -28.79 -16.70 -16.32
N ILE F 22 -28.64 -15.41 -16.59
CA ILE F 22 -28.34 -14.90 -17.96
C ILE F 22 -26.86 -15.17 -18.29
N LEU F 23 -25.97 -15.13 -17.29
CA LEU F 23 -24.52 -15.41 -17.49
C LEU F 23 -24.35 -16.90 -17.84
N MET F 24 -25.10 -17.77 -17.19
CA MET F 24 -25.02 -19.23 -17.44
C MET F 24 -25.54 -19.56 -18.83
N ALA F 25 -26.57 -18.85 -19.28
CA ALA F 25 -27.24 -19.05 -20.59
C ALA F 25 -26.31 -18.56 -21.72
N ASN F 26 -25.37 -17.67 -21.40
CA ASN F 26 -24.34 -17.17 -22.34
C ASN F 26 -23.05 -17.96 -22.15
N GLY F 27 -23.11 -19.05 -21.36
CA GLY F 27 -22.10 -20.14 -21.36
C GLY F 27 -21.20 -20.15 -20.13
N ALA F 28 -21.36 -19.19 -19.22
CA ALA F 28 -20.57 -19.09 -17.95
C ALA F 28 -20.33 -20.50 -17.42
N ASP F 29 -19.15 -20.73 -16.85
CA ASP F 29 -18.77 -22.00 -16.20
C ASP F 29 -19.17 -21.91 -14.73
N VAL F 30 -20.07 -22.78 -14.27
CA VAL F 30 -20.61 -22.75 -12.87
C VAL F 30 -19.52 -23.22 -11.90
N ASN F 31 -18.44 -23.79 -12.42
CA ASN F 31 -17.30 -24.30 -11.62
C ASN F 31 -16.10 -23.34 -11.76
N ALA F 32 -16.30 -22.18 -12.40
CA ALA F 32 -15.35 -21.04 -12.40
C ALA F 32 -14.89 -20.77 -10.96
N ALA F 33 -13.58 -20.65 -10.76
CA ALA F 33 -12.95 -20.43 -9.44
C ALA F 33 -11.97 -19.26 -9.55
N ASP F 34 -11.97 -18.37 -8.55
CA ASP F 34 -11.04 -17.23 -8.47
C ASP F 34 -9.70 -17.74 -7.95
N ALA F 35 -8.74 -16.83 -7.80
CA ALA F 35 -7.33 -17.14 -7.45
C ALA F 35 -7.29 -18.11 -6.25
N LEU F 36 -8.31 -18.09 -5.39
CA LEU F 36 -8.28 -18.81 -4.09
C LEU F 36 -9.07 -20.11 -4.17
N GLY F 37 -9.54 -20.46 -5.36
CA GLY F 37 -10.32 -21.69 -5.60
C GLY F 37 -11.76 -21.55 -5.17
N VAL F 38 -12.19 -20.33 -4.91
CA VAL F 38 -13.56 -20.01 -4.45
C VAL F 38 -14.49 -19.96 -5.67
N THR F 39 -15.61 -20.68 -5.59
CA THR F 39 -16.56 -20.92 -6.70
C THR F 39 -17.85 -20.18 -6.42
N PRO F 40 -18.69 -19.93 -7.43
CA PRO F 40 -19.96 -19.25 -7.21
C PRO F 40 -20.82 -19.94 -6.15
N LEU F 41 -20.73 -21.26 -6.09
CA LEU F 41 -21.51 -22.07 -5.13
C LEU F 41 -21.05 -21.73 -3.71
N HIS F 42 -19.73 -21.67 -3.48
CA HIS F 42 -19.11 -21.20 -2.21
C HIS F 42 -19.75 -19.87 -1.81
N LEU F 43 -19.78 -18.90 -2.72
CA LEU F 43 -20.06 -17.48 -2.40
C LEU F 43 -21.55 -17.30 -2.13
N ALA F 44 -22.39 -17.98 -2.90
CA ALA F 44 -23.86 -17.98 -2.73
C ALA F 44 -24.20 -18.63 -1.40
N ALA F 45 -23.47 -19.68 -1.03
CA ALA F 45 -23.66 -20.45 0.23
C ALA F 45 -23.33 -19.56 1.42
N VAL F 46 -22.23 -18.82 1.39
CA VAL F 46 -21.73 -18.05 2.57
C VAL F 46 -22.58 -16.78 2.76
N TRP F 47 -23.15 -16.24 1.69
CA TRP F 47 -23.90 -14.96 1.74
C TRP F 47 -25.42 -15.20 1.73
N GLY F 48 -25.83 -16.46 1.79
CA GLY F 48 -27.21 -16.87 2.12
C GLY F 48 -28.17 -16.67 0.94
N HIS F 49 -27.74 -17.05 -0.26
CA HIS F 49 -28.51 -16.91 -1.53
C HIS F 49 -29.00 -18.31 -1.97
N LEU F 50 -30.05 -18.79 -1.30
CA LEU F 50 -30.65 -20.13 -1.48
C LEU F 50 -31.00 -20.36 -2.97
N GLU F 51 -31.77 -19.47 -3.58
CA GLU F 51 -32.24 -19.64 -4.99
C GLU F 51 -30.99 -19.81 -5.89
N ILE F 52 -29.99 -18.98 -5.70
CA ILE F 52 -28.76 -19.02 -6.52
C ILE F 52 -28.03 -20.33 -6.26
N VAL F 53 -27.97 -20.78 -5.01
CA VAL F 53 -27.35 -22.08 -4.66
C VAL F 53 -28.00 -23.17 -5.52
N GLU F 54 -29.33 -23.12 -5.65
CA GLU F 54 -30.12 -24.18 -6.32
C GLU F 54 -29.87 -24.15 -7.82
N VAL F 55 -29.84 -22.98 -8.45
CA VAL F 55 -29.68 -22.88 -9.93
C VAL F 55 -28.29 -23.44 -10.30
N LEU F 56 -27.30 -23.21 -9.43
CA LEU F 56 -25.90 -23.58 -9.68
C LEU F 56 -25.76 -25.10 -9.56
N LEU F 57 -26.32 -25.67 -8.50
CA LEU F 57 -26.34 -27.14 -8.27
C LEU F 57 -27.05 -27.82 -9.44
N LYS F 58 -28.22 -27.30 -9.84
CA LYS F 58 -29.03 -27.82 -10.97
C LYS F 58 -28.17 -27.82 -12.24
N ALA F 59 -27.32 -26.79 -12.38
CA ALA F 59 -26.47 -26.53 -13.56
C ALA F 59 -25.15 -27.33 -13.48
N GLY F 60 -24.95 -28.12 -12.41
CA GLY F 60 -23.86 -29.12 -12.31
C GLY F 60 -22.66 -28.60 -11.53
N ALA F 61 -22.86 -27.54 -10.71
CA ALA F 61 -21.85 -26.97 -9.80
C ALA F 61 -21.36 -28.04 -8.85
N ASP F 62 -20.05 -28.27 -8.80
CA ASP F 62 -19.41 -29.25 -7.89
C ASP F 62 -19.77 -28.88 -6.44
N VAL F 63 -20.39 -29.82 -5.71
CA VAL F 63 -21.02 -29.58 -4.38
C VAL F 63 -19.93 -29.64 -3.30
N ASN F 64 -18.79 -30.25 -3.62
CA ASN F 64 -17.68 -30.51 -2.67
C ASN F 64 -16.39 -29.93 -3.22
N ALA F 65 -16.51 -28.88 -4.04
CA ALA F 65 -15.39 -28.04 -4.51
C ALA F 65 -14.65 -27.49 -3.29
N GLN F 66 -13.33 -27.45 -3.35
CA GLN F 66 -12.45 -27.00 -2.23
C GLN F 66 -11.65 -25.75 -2.67
N ASP F 67 -11.64 -24.69 -1.85
CA ASP F 67 -10.72 -23.52 -2.02
C ASP F 67 -9.34 -23.84 -1.40
N GLN F 68 -8.42 -22.89 -1.44
CA GLN F 68 -7.03 -23.02 -0.94
C GLN F 68 -7.03 -23.71 0.43
N HIS F 69 -8.06 -23.47 1.21
CA HIS F 69 -8.13 -23.82 2.65
C HIS F 69 -8.84 -25.15 2.83
N GLY F 70 -9.42 -25.68 1.77
CA GLY F 70 -10.24 -26.91 1.80
C GLY F 70 -11.62 -26.62 2.32
N ASN F 71 -12.02 -25.34 2.31
CA ASN F 71 -13.44 -24.91 2.50
C ASN F 71 -14.28 -25.48 1.36
N THR F 72 -15.30 -26.27 1.70
CA THR F 72 -16.40 -26.68 0.79
C THR F 72 -17.58 -25.75 1.00
N PRO F 73 -18.54 -25.72 0.06
CA PRO F 73 -19.78 -24.96 0.26
C PRO F 73 -20.45 -25.31 1.60
N LEU F 74 -20.42 -26.57 1.98
CA LEU F 74 -21.03 -27.05 3.24
C LEU F 74 -20.35 -26.34 4.42
N HIS F 75 -19.01 -26.25 4.42
CA HIS F 75 -18.21 -25.52 5.45
C HIS F 75 -18.77 -24.10 5.61
N LEU F 76 -18.97 -23.39 4.50
CA LEU F 76 -19.23 -21.93 4.49
C LEU F 76 -20.67 -21.67 4.92
N ALA F 77 -21.59 -22.51 4.47
CA ALA F 77 -23.02 -22.48 4.87
C ALA F 77 -23.10 -22.71 6.37
N ALA F 78 -22.44 -23.76 6.86
CA ALA F 78 -22.36 -24.12 8.31
C ALA F 78 -21.78 -22.94 9.09
N TRP F 79 -20.67 -22.37 8.60
CA TRP F 79 -19.99 -21.22 9.24
C TRP F 79 -21.00 -20.07 9.42
N ALA F 80 -21.84 -19.85 8.41
CA ALA F 80 -22.57 -18.59 8.15
C ALA F 80 -23.96 -18.65 8.74
N GLY F 81 -24.38 -19.85 9.16
CA GLY F 81 -25.67 -20.08 9.87
C GLY F 81 -26.85 -20.11 8.91
N HIS F 82 -26.66 -20.66 7.70
CA HIS F 82 -27.68 -20.76 6.64
C HIS F 82 -28.17 -22.21 6.57
N LEU F 83 -29.20 -22.53 7.38
CA LEU F 83 -29.71 -23.90 7.60
C LEU F 83 -30.33 -24.42 6.29
N GLU F 84 -31.22 -23.64 5.70
CA GLU F 84 -31.91 -24.01 4.45
C GLU F 84 -30.86 -24.39 3.40
N ILE F 85 -29.79 -23.61 3.29
CA ILE F 85 -28.74 -23.86 2.27
C ILE F 85 -27.97 -25.15 2.63
N VAL F 86 -27.66 -25.36 3.90
CA VAL F 86 -27.00 -26.60 4.41
C VAL F 86 -27.81 -27.81 3.94
N GLU F 87 -29.11 -27.79 4.16
CA GLU F 87 -30.03 -28.92 3.88
C GLU F 87 -29.91 -29.30 2.40
N VAL F 88 -29.87 -28.32 1.51
CA VAL F 88 -29.85 -28.54 0.03
C VAL F 88 -28.52 -29.20 -0.35
N LEU F 89 -27.42 -28.69 0.18
CA LEU F 89 -26.05 -29.19 -0.09
C LEU F 89 -25.96 -30.68 0.29
N LEU F 90 -26.53 -31.05 1.44
CA LEU F 90 -26.57 -32.45 1.93
C LEU F 90 -27.35 -33.29 0.93
N LYS F 91 -28.50 -32.78 0.48
CA LYS F 91 -29.37 -33.41 -0.55
C LYS F 91 -28.54 -33.70 -1.80
N HIS F 92 -27.72 -32.74 -2.25
CA HIS F 92 -26.91 -32.83 -3.50
C HIS F 92 -25.55 -33.48 -3.20
N GLY F 93 -25.38 -34.04 -1.99
CA GLY F 93 -24.36 -35.06 -1.67
C GLY F 93 -23.07 -34.46 -1.11
N ALA F 94 -23.18 -33.35 -0.38
CA ALA F 94 -22.07 -32.66 0.30
C ALA F 94 -21.43 -33.59 1.33
N ASP F 95 -20.11 -33.82 1.24
CA ASP F 95 -19.30 -34.60 2.21
C ASP F 95 -19.36 -33.89 3.58
N VAL F 96 -20.04 -34.52 4.55
CA VAL F 96 -20.23 -34.02 5.95
C VAL F 96 -18.85 -33.99 6.64
N ASN F 97 -17.92 -34.85 6.18
CA ASN F 97 -16.63 -35.18 6.84
C ASN F 97 -15.48 -34.42 6.18
N ALA F 98 -15.73 -33.74 5.06
CA ALA F 98 -14.73 -32.85 4.39
C ALA F 98 -14.06 -31.99 5.46
N GLN F 99 -12.73 -31.92 5.43
CA GLN F 99 -11.91 -31.19 6.43
C GLN F 99 -11.22 -30.01 5.75
N ASP F 100 -11.29 -28.83 6.37
CA ASP F 100 -10.44 -27.67 5.98
C ASP F 100 -9.03 -28.01 6.44
N LYS F 101 -8.06 -27.17 6.11
CA LYS F 101 -6.62 -27.52 6.24
C LYS F 101 -6.21 -27.44 7.72
N PHE F 102 -7.09 -26.97 8.59
CA PHE F 102 -6.92 -26.99 10.08
C PHE F 102 -7.71 -28.18 10.66
N GLY F 103 -8.20 -29.07 9.78
CA GLY F 103 -8.92 -30.31 10.16
C GLY F 103 -10.30 -30.04 10.76
N LYS F 104 -10.87 -28.85 10.57
CA LYS F 104 -12.28 -28.53 10.95
C LYS F 104 -13.22 -29.13 9.90
N THR F 105 -14.29 -29.79 10.36
CA THR F 105 -15.42 -30.26 9.52
C THR F 105 -16.48 -29.17 9.49
N PRO F 106 -17.44 -29.23 8.55
CA PRO F 106 -18.58 -28.34 8.59
C PRO F 106 -19.26 -28.36 9.96
N PHE F 107 -19.39 -29.54 10.57
CA PHE F 107 -19.96 -29.70 11.93
C PHE F 107 -19.23 -28.75 12.91
N ASP F 108 -17.90 -28.82 12.92
CA ASP F 108 -17.01 -28.06 13.85
C ASP F 108 -17.23 -26.55 13.66
N LEU F 109 -17.28 -26.08 12.41
CA LEU F 109 -17.49 -24.65 12.07
C LEU F 109 -18.85 -24.19 12.59
N ALA F 110 -19.87 -25.02 12.47
CA ALA F 110 -21.23 -24.77 12.98
C ALA F 110 -21.15 -24.52 14.48
N ILE F 111 -20.57 -25.45 15.22
CA ILE F 111 -20.39 -25.38 16.71
C ILE F 111 -19.66 -24.08 17.06
N ASP F 112 -18.53 -23.82 16.40
CA ASP F 112 -17.60 -22.73 16.77
C ASP F 112 -18.32 -21.38 16.67
N ASN F 113 -19.42 -21.31 15.91
CA ASN F 113 -20.15 -20.03 15.63
C ASN F 113 -21.59 -20.08 16.17
N GLY F 114 -21.95 -21.15 16.90
CA GLY F 114 -23.19 -21.24 17.69
C GLY F 114 -24.39 -21.60 16.83
N ASN F 115 -24.16 -22.31 15.72
CA ASN F 115 -25.21 -22.76 14.78
C ASN F 115 -25.61 -24.18 15.17
N LYS F 116 -26.31 -24.31 16.29
CA LYS F 116 -26.60 -25.60 16.96
C LYS F 116 -27.59 -26.39 16.11
N ASP F 117 -28.63 -25.72 15.62
CA ASP F 117 -29.61 -26.33 14.68
C ASP F 117 -28.83 -27.05 13.57
N ILE F 118 -27.87 -26.36 12.97
CA ILE F 118 -27.13 -26.86 11.78
C ILE F 118 -26.23 -28.02 12.18
N ALA F 119 -25.59 -27.91 13.34
CA ALA F 119 -24.69 -28.94 13.91
C ALA F 119 -25.49 -30.24 14.15
N GLU F 120 -26.72 -30.14 14.69
CA GLU F 120 -27.63 -31.28 14.95
C GLU F 120 -27.90 -32.01 13.63
N VAL F 121 -28.15 -31.26 12.57
CA VAL F 121 -28.44 -31.79 11.20
C VAL F 121 -27.21 -32.58 10.70
N LEU F 122 -26.01 -31.99 10.84
CA LEU F 122 -24.72 -32.54 10.34
C LEU F 122 -24.33 -33.80 11.14
N GLN F 123 -24.56 -33.78 12.45
CA GLN F 123 -24.28 -34.93 13.36
C GLN F 123 -25.08 -36.15 12.89
N LYS F 124 -26.34 -35.95 12.48
CA LYS F 124 -27.30 -37.04 12.18
C LYS F 124 -27.17 -37.45 10.71
N ALA F 125 -26.79 -36.51 9.85
CA ALA F 125 -26.43 -36.76 8.45
C ALA F 125 -25.13 -37.58 8.39
N ALA F 126 -24.44 -37.75 9.53
CA ALA F 126 -23.28 -38.65 9.75
C ALA F 126 -22.85 -39.29 8.43
#